data_8K0Q
#
_entry.id   8K0Q
#
_cell.length_a   1.00
_cell.length_b   1.00
_cell.length_c   1.00
_cell.angle_alpha   90.00
_cell.angle_beta   90.00
_cell.angle_gamma   90.00
#
_symmetry.space_group_name_H-M   'P 1'
#
loop_
_entity.id
_entity.type
_entity.pdbx_description
1 polymer 'RNA (542-MER)'
2 polymer DNA
3 non-polymer 'MAGNESIUM ION'
#
loop_
_entity_poly.entity_id
_entity_poly.type
_entity_poly.pdbx_seq_one_letter_code
_entity_poly.pdbx_strand_id
1 'polyribonucleotide'
;GUGCGCUCGGCAUGGGUGCAAUCUCUAGGGUGAAAGUCCCGAACUGCGAAGGCAGAAGUAGCAGUUAGCUUAACGCAAGG
GUGUCCGUGGUGACGCGGAAUCUGAAGGAAGCGGGCGGCAAACUUCCGGUCUGAGGAACACGAACUUCAUAUAAGGCUAG
GUAUCAUUGGAUGAGUUUGCAAGACAAAACAAAGUCCUUUCUGCCGAAGGUGAUACAGAGUAAAUGAAGCAGAUAGAUGG
AAGGAAAGAUUGUACUCUUACCCGAGGAGGUCUGAUGGAUACGUGAAGUGCGCUUCAUAACCUACUUAGUGAUAAGUAAC
UGAACCAUCAGAAGUCAGCAGAGGUCAUAGUACGAAUCGGUCUAGAACGAUUCGGAAGGACUGAACAAUCAAGAGAAAAU
AGCCCUUGGCAUUCAGUACGUCAUGAUGAACACAGAAAACAUGGUACCUCCCAAGAGAAAGGAAACGGUGAAUCCCGUGG
GAAUCUUUUGGAGGGUGGAGUGACGACUGGCAUAAGAAGAUCAGCUAUUUACGGAAGGAAGCUUGCGUCAUUAUCUUGAU
UGAACCGCCGUAUACGGAACCGUACGUACGGUGGUGUGAGAGGACGGAGGUUAAUCACCUCCUCCUACUCGAU
;
A,C
2 'polydeoxyribonucleotide' (DT)(DG)(DT)(DC)(DT)(DT)(DT)(DC)(DC) E,F
#